data_3KE5
#
_entry.id   3KE5
#
_cell.length_a   64.925
_cell.length_b   137.042
_cell.length_c   158.263
_cell.angle_alpha   90.000
_cell.angle_beta   90.000
_cell.angle_gamma   90.000
#
_symmetry.space_group_name_H-M   'C 2 2 21'
#
loop_
_entity.id
_entity.type
_entity.pdbx_description
1 polymer 'Hypothetical Cytosolic Protein'
2 non-polymer "ADENOSINE-5'-TRIPHOSPHATE"
3 non-polymer 'MAGNESIUM ION'
4 water water
#
_entity_poly.entity_id   1
_entity_poly.type   'polypeptide(L)'
_entity_poly.pdbx_seq_one_letter_code
;MGSSHHHHHHSSGLVPAGSHMKLYTKTGDKGTTSVIGGRVDKDDIRVEAYGTIDEANSHIGYAMTKLQGGAFIDIYNELE
NIQHELFDCGGDLAIVEQKIPYKVTIVMVESLERKIDLYIEEAPPLERFILPGGSEAAATIHIARTVVRRAERSIVSLQK
EVKINEVVLKYVNRLSDYLFAIARVINARLQVKDVEYNRSAVVFRDKKEKEVE
;
_entity_poly.pdbx_strand_id   A,B,C
#
# COMPACT_ATOMS: atom_id res chain seq x y z
N MET A 21 9.76 21.54 -18.95
CA MET A 21 10.53 20.67 -18.02
C MET A 21 10.08 20.94 -16.58
N LYS A 22 9.06 21.79 -16.45
CA LYS A 22 8.48 22.18 -15.16
C LYS A 22 7.37 21.19 -14.83
N LEU A 23 7.66 20.22 -13.96
CA LEU A 23 6.71 19.19 -13.57
C LEU A 23 5.30 19.64 -13.20
N TYR A 24 5.20 20.68 -12.38
CA TYR A 24 3.88 21.14 -11.96
C TYR A 24 3.26 22.21 -12.85
N THR A 25 1.99 22.02 -13.19
CA THR A 25 1.25 22.96 -14.01
C THR A 25 0.17 23.62 -13.14
N LYS A 26 -0.16 22.97 -12.03
CA LYS A 26 -1.16 23.46 -11.09
C LYS A 26 -2.59 23.29 -11.63
N THR A 27 -2.73 22.85 -12.87
CA THR A 27 -4.05 22.66 -13.44
C THR A 27 -4.84 21.61 -12.68
N GLY A 28 -4.17 20.86 -11.81
CA GLY A 28 -4.87 19.84 -11.04
C GLY A 28 -5.06 20.23 -9.59
N ASP A 29 -4.69 21.46 -9.25
CA ASP A 29 -4.80 21.95 -7.88
C ASP A 29 -6.21 22.00 -7.31
N LYS A 30 -7.23 21.88 -8.16
CA LYS A 30 -8.60 21.93 -7.68
C LYS A 30 -9.31 20.59 -7.62
N GLY A 31 -8.63 19.52 -8.03
CA GLY A 31 -9.26 18.21 -7.96
C GLY A 31 -9.59 17.52 -9.26
N THR A 32 -9.45 18.21 -10.39
CA THR A 32 -9.73 17.59 -11.67
C THR A 32 -8.41 17.30 -12.37
N THR A 33 -8.44 16.39 -13.34
CA THR A 33 -7.24 16.02 -14.07
C THR A 33 -7.61 15.55 -15.47
N SER A 34 -6.59 15.32 -16.29
CA SER A 34 -6.84 14.88 -17.66
C SER A 34 -6.72 13.38 -17.86
N VAL A 35 -7.58 12.88 -18.74
CA VAL A 35 -7.63 11.48 -19.10
C VAL A 35 -7.56 11.52 -20.63
N ILE A 36 -7.40 10.36 -21.27
CA ILE A 36 -7.34 10.34 -22.73
C ILE A 36 -8.72 10.64 -23.30
N GLY A 37 -8.89 11.86 -23.79
CA GLY A 37 -10.17 12.26 -24.36
C GLY A 37 -11.08 13.03 -23.43
N GLY A 38 -10.53 13.64 -22.39
CA GLY A 38 -11.36 14.41 -21.47
C GLY A 38 -10.78 14.68 -20.10
N ARG A 39 -11.51 15.44 -19.29
CA ARG A 39 -11.09 15.77 -17.94
C ARG A 39 -12.10 15.20 -16.94
N VAL A 40 -11.59 14.70 -15.82
CA VAL A 40 -12.43 14.10 -14.79
C VAL A 40 -11.92 14.46 -13.39
N ASP A 41 -12.74 14.23 -12.37
CA ASP A 41 -12.31 14.50 -11.00
C ASP A 41 -11.26 13.46 -10.66
N LYS A 42 -10.27 13.84 -9.84
CA LYS A 42 -9.21 12.93 -9.48
C LYS A 42 -9.69 11.70 -8.71
N ASP A 43 -10.91 11.73 -8.19
CA ASP A 43 -11.43 10.58 -7.46
C ASP A 43 -12.35 9.73 -8.34
N ASP A 44 -12.32 9.99 -9.64
CA ASP A 44 -13.13 9.24 -10.60
C ASP A 44 -12.62 7.79 -10.54
N ILE A 45 -13.53 6.83 -10.56
CA ILE A 45 -13.15 5.42 -10.48
C ILE A 45 -12.07 5.07 -11.51
N ARG A 46 -12.12 5.76 -12.65
CA ARG A 46 -11.16 5.55 -13.72
C ARG A 46 -9.74 5.93 -13.29
N VAL A 47 -9.60 7.08 -12.65
CA VAL A 47 -8.30 7.56 -12.18
C VAL A 47 -7.81 6.67 -11.06
N GLU A 48 -8.73 6.15 -10.26
CA GLU A 48 -8.37 5.28 -9.15
C GLU A 48 -7.79 3.96 -9.67
N ALA A 49 -8.41 3.41 -10.70
CA ALA A 49 -7.93 2.15 -11.28
C ALA A 49 -6.53 2.39 -11.84
N TYR A 50 -6.39 3.49 -12.58
CA TYR A 50 -5.14 3.91 -13.19
C TYR A 50 -4.07 4.12 -12.12
N GLY A 51 -4.44 4.82 -11.05
CA GLY A 51 -3.50 5.09 -9.98
C GLY A 51 -3.05 3.86 -9.21
N THR A 52 -3.97 2.92 -9.01
CA THR A 52 -3.64 1.70 -8.28
C THR A 52 -2.76 0.79 -9.13
N ILE A 53 -2.91 0.88 -10.45
CA ILE A 53 -2.07 0.09 -11.34
C ILE A 53 -0.66 0.63 -11.14
N ASP A 54 -0.53 1.95 -11.12
CA ASP A 54 0.76 2.60 -10.91
C ASP A 54 1.35 2.19 -9.56
N GLU A 55 0.51 2.13 -8.53
CA GLU A 55 0.97 1.75 -7.19
C GLU A 55 1.51 0.32 -7.22
N ALA A 56 0.79 -0.58 -7.90
CA ALA A 56 1.21 -1.97 -8.00
C ALA A 56 2.53 -2.02 -8.75
N ASN A 57 2.62 -1.20 -9.79
CA ASN A 57 3.83 -1.16 -10.61
C ASN A 57 5.04 -0.70 -9.78
N SER A 58 4.82 0.21 -8.83
CA SER A 58 5.94 0.69 -8.01
C SER A 58 6.44 -0.39 -7.05
N HIS A 59 5.53 -1.22 -6.55
CA HIS A 59 5.95 -2.30 -5.65
C HIS A 59 6.76 -3.34 -6.42
N ILE A 60 6.36 -3.63 -7.66
CA ILE A 60 7.11 -4.57 -8.48
C ILE A 60 8.50 -4.02 -8.75
N GLY A 61 8.58 -2.71 -8.93
CA GLY A 61 9.86 -2.08 -9.19
C GLY A 61 10.80 -2.19 -8.00
N TYR A 62 10.23 -2.10 -6.79
CA TYR A 62 11.03 -2.22 -5.58
C TYR A 62 11.46 -3.68 -5.40
N ALA A 63 10.52 -4.61 -5.64
CA ALA A 63 10.83 -6.03 -5.51
C ALA A 63 11.97 -6.42 -6.46
N MET A 64 11.95 -5.86 -7.66
CA MET A 64 12.98 -6.16 -8.64
C MET A 64 14.39 -5.81 -8.16
N THR A 65 14.51 -4.75 -7.36
CA THR A 65 15.81 -4.36 -6.84
C THR A 65 16.43 -5.47 -5.99
N LYS A 66 15.59 -6.40 -5.52
CA LYS A 66 16.07 -7.50 -4.69
C LYS A 66 16.23 -8.79 -5.50
N LEU A 67 15.94 -8.71 -6.80
CA LEU A 67 16.01 -9.89 -7.66
C LEU A 67 16.97 -9.77 -8.84
N GLN A 68 18.06 -9.04 -8.64
CA GLN A 68 19.04 -8.87 -9.71
C GLN A 68 20.11 -9.95 -9.72
N GLY A 69 20.05 -10.85 -8.74
CA GLY A 69 21.02 -11.92 -8.67
C GLY A 69 20.90 -12.86 -9.84
N GLY A 70 21.97 -13.62 -10.12
CA GLY A 70 21.96 -14.55 -11.24
C GLY A 70 20.96 -15.68 -11.08
N ALA A 71 20.48 -15.90 -9.87
CA ALA A 71 19.53 -16.97 -9.63
C ALA A 71 18.11 -16.55 -10.02
N PHE A 72 17.94 -15.28 -10.36
CA PHE A 72 16.61 -14.79 -10.71
C PHE A 72 16.52 -14.08 -12.05
N ILE A 73 17.48 -14.32 -12.93
CA ILE A 73 17.50 -13.70 -14.24
C ILE A 73 16.18 -13.86 -14.97
N ASP A 74 15.64 -15.08 -14.96
CA ASP A 74 14.37 -15.34 -15.63
C ASP A 74 13.23 -14.50 -15.06
N ILE A 75 13.09 -14.50 -13.74
CA ILE A 75 12.02 -13.74 -13.09
C ILE A 75 12.21 -12.23 -13.24
N TYR A 76 13.45 -11.77 -13.14
CA TYR A 76 13.73 -10.35 -13.26
C TYR A 76 13.32 -9.79 -14.63
N ASN A 77 13.66 -10.52 -15.69
CA ASN A 77 13.31 -10.07 -17.04
C ASN A 77 11.80 -10.08 -17.25
N GLU A 78 11.11 -11.03 -16.63
CA GLU A 78 9.66 -11.10 -16.75
C GLU A 78 9.02 -9.91 -16.04
N LEU A 79 9.56 -9.55 -14.87
CA LEU A 79 9.04 -8.42 -14.11
C LEU A 79 9.30 -7.12 -14.89
N GLU A 80 10.42 -7.07 -15.60
CA GLU A 80 10.77 -5.91 -16.41
C GLU A 80 9.71 -5.71 -17.46
N ASN A 81 9.35 -6.80 -18.13
CA ASN A 81 8.34 -6.76 -19.17
C ASN A 81 6.97 -6.45 -18.57
N ILE A 82 6.68 -7.06 -17.42
CA ILE A 82 5.41 -6.84 -16.75
C ILE A 82 5.23 -5.36 -16.36
N GLN A 83 6.30 -4.66 -16.04
CA GLN A 83 6.15 -3.26 -15.70
C GLN A 83 5.62 -2.51 -16.91
N HIS A 84 6.03 -2.94 -18.10
CA HIS A 84 5.57 -2.31 -19.33
C HIS A 84 4.11 -2.63 -19.59
N GLU A 85 3.73 -3.90 -19.44
CA GLU A 85 2.36 -4.33 -19.66
C GLU A 85 1.42 -3.71 -18.62
N LEU A 86 1.93 -3.48 -17.41
CA LEU A 86 1.12 -2.88 -16.36
C LEU A 86 0.91 -1.40 -16.73
N PHE A 87 1.95 -0.76 -17.22
CA PHE A 87 1.86 0.64 -17.64
C PHE A 87 0.83 0.70 -18.76
N ASP A 88 0.88 -0.28 -19.66
CA ASP A 88 -0.08 -0.32 -20.77
C ASP A 88 -1.51 -0.48 -20.26
N CYS A 89 -1.68 -1.25 -19.19
CA CYS A 89 -3.01 -1.43 -18.60
C CYS A 89 -3.55 -0.06 -18.19
N GLY A 90 -2.71 0.71 -17.51
CA GLY A 90 -3.12 2.04 -17.08
C GLY A 90 -3.53 2.91 -18.25
N GLY A 91 -2.80 2.79 -19.36
CA GLY A 91 -3.10 3.56 -20.54
C GLY A 91 -4.45 3.19 -21.14
N ASP A 92 -4.74 1.89 -21.19
CA ASP A 92 -6.01 1.41 -21.74
C ASP A 92 -7.19 1.85 -20.86
N LEU A 93 -7.00 1.79 -19.54
CA LEU A 93 -8.03 2.16 -18.59
C LEU A 93 -8.30 3.67 -18.55
N ALA A 94 -7.29 4.46 -18.90
CA ALA A 94 -7.45 5.91 -18.88
C ALA A 94 -7.96 6.45 -20.22
N ILE A 95 -8.41 5.57 -21.10
CA ILE A 95 -8.92 5.98 -22.40
C ILE A 95 -10.44 6.13 -22.39
N VAL A 96 -10.90 7.37 -22.57
CA VAL A 96 -12.33 7.66 -22.59
C VAL A 96 -12.89 7.63 -24.01
N GLU A 97 -13.86 6.75 -24.24
CA GLU A 97 -14.53 6.58 -25.54
C GLU A 97 -13.60 6.02 -26.65
N GLN A 98 -12.39 5.63 -26.24
CA GLN A 98 -11.39 5.02 -27.09
C GLN A 98 -10.84 5.74 -28.32
N LYS A 99 -10.06 6.80 -28.13
CA LYS A 99 -9.50 7.52 -29.27
C LYS A 99 -8.34 6.78 -29.91
N ILE A 100 -7.84 5.74 -29.26
CA ILE A 100 -6.71 4.95 -29.79
C ILE A 100 -6.92 3.48 -29.48
N PRO A 101 -6.33 2.57 -30.27
CA PRO A 101 -6.49 1.15 -30.02
C PRO A 101 -5.89 0.74 -28.67
N TYR A 102 -6.52 -0.21 -27.99
CA TYR A 102 -5.98 -0.67 -26.71
C TYR A 102 -4.62 -1.32 -26.95
N LYS A 103 -3.81 -1.45 -25.91
CA LYS A 103 -2.49 -2.06 -26.05
C LYS A 103 -2.39 -3.44 -25.41
N VAL A 104 -3.23 -3.69 -24.40
CA VAL A 104 -3.21 -4.97 -23.71
C VAL A 104 -3.98 -6.04 -24.47
N THR A 105 -3.32 -7.16 -24.71
CA THR A 105 -3.91 -8.24 -25.48
C THR A 105 -3.99 -9.57 -24.75
N ILE A 106 -4.77 -10.50 -25.31
CA ILE A 106 -4.94 -11.82 -24.73
C ILE A 106 -3.61 -12.58 -24.79
N VAL A 107 -2.77 -12.20 -25.74
CA VAL A 107 -1.47 -12.84 -25.91
C VAL A 107 -0.63 -12.64 -24.65
N MET A 108 -0.70 -11.44 -24.08
CA MET A 108 0.04 -11.14 -22.87
C MET A 108 -0.54 -11.90 -21.68
N VAL A 109 -1.84 -12.18 -21.72
CA VAL A 109 -2.49 -12.92 -20.65
C VAL A 109 -2.06 -14.40 -20.72
N GLU A 110 -1.96 -14.92 -21.94
CA GLU A 110 -1.55 -16.31 -22.13
C GLU A 110 -0.09 -16.49 -21.74
N SER A 111 0.72 -15.47 -22.01
CA SER A 111 2.14 -15.53 -21.64
C SER A 111 2.26 -15.71 -20.11
N LEU A 112 1.38 -15.01 -19.39
CA LEU A 112 1.36 -15.10 -17.93
C LEU A 112 0.99 -16.52 -17.50
N GLU A 113 -0.01 -17.10 -18.17
CA GLU A 113 -0.47 -18.45 -17.85
C GLU A 113 0.61 -19.52 -18.04
N ARG A 114 1.39 -19.42 -19.12
CA ARG A 114 2.45 -20.40 -19.37
C ARG A 114 3.51 -20.37 -18.29
N LYS A 115 3.80 -19.19 -17.78
CA LYS A 115 4.81 -19.04 -16.74
C LYS A 115 4.32 -19.59 -15.41
N ILE A 116 3.05 -19.34 -15.11
CA ILE A 116 2.46 -19.82 -13.86
C ILE A 116 2.54 -21.35 -13.78
N ASP A 117 2.17 -22.03 -14.85
CA ASP A 117 2.22 -23.49 -14.87
C ASP A 117 3.67 -23.91 -14.62
N LEU A 118 4.60 -23.18 -15.23
CA LEU A 118 6.02 -23.45 -15.09
C LEU A 118 6.47 -23.29 -13.63
N TYR A 119 6.06 -22.19 -13.00
CA TYR A 119 6.46 -21.94 -11.61
C TYR A 119 5.76 -22.82 -10.58
N ILE A 120 4.53 -23.20 -10.88
CA ILE A 120 3.79 -24.08 -9.96
C ILE A 120 4.51 -25.43 -10.01
N GLU A 121 5.01 -25.77 -11.20
CA GLU A 121 5.71 -27.02 -11.40
C GLU A 121 7.06 -26.99 -10.68
N GLU A 122 7.68 -25.81 -10.60
CA GLU A 122 8.98 -25.69 -9.96
C GLU A 122 8.86 -25.73 -8.43
N ALA A 123 7.88 -24.99 -7.91
CA ALA A 123 7.66 -24.92 -6.47
C ALA A 123 7.19 -26.25 -5.88
N PRO A 124 7.46 -26.48 -4.60
CA PRO A 124 6.99 -27.74 -4.00
C PRO A 124 5.47 -27.81 -4.05
N PRO A 125 4.91 -29.02 -3.87
CA PRO A 125 3.45 -29.17 -3.90
C PRO A 125 2.72 -28.23 -2.95
N LEU A 126 1.72 -27.52 -3.47
CA LEU A 126 0.92 -26.57 -2.70
C LEU A 126 -0.40 -27.22 -2.33
N GLU A 127 -0.59 -27.49 -1.04
CA GLU A 127 -1.81 -28.14 -0.60
C GLU A 127 -2.65 -27.31 0.38
N ARG A 128 -2.05 -26.27 0.95
CA ARG A 128 -2.77 -25.42 1.91
C ARG A 128 -2.38 -23.95 1.78
N PHE A 129 -3.11 -23.09 2.49
CA PHE A 129 -2.81 -21.67 2.47
C PHE A 129 -1.49 -21.43 3.17
N ILE A 130 -0.73 -20.43 2.70
CA ILE A 130 0.55 -20.13 3.29
C ILE A 130 0.64 -18.65 3.69
N LEU A 131 1.43 -18.37 4.72
CA LEU A 131 1.62 -17.01 5.18
C LEU A 131 2.39 -16.23 4.13
N PRO A 132 1.98 -14.97 3.87
CA PRO A 132 2.68 -14.16 2.87
C PRO A 132 3.97 -13.62 3.49
N GLY A 133 5.11 -13.93 2.88
CA GLY A 133 6.38 -13.45 3.40
C GLY A 133 7.53 -14.41 3.12
N GLY A 134 8.48 -14.47 4.05
CA GLY A 134 9.62 -15.35 3.90
C GLY A 134 10.86 -14.52 3.63
N SER A 135 11.29 -14.50 2.37
CA SER A 135 12.45 -13.72 1.98
C SER A 135 11.98 -12.29 1.69
N GLU A 136 12.92 -11.34 1.74
CA GLU A 136 12.60 -9.93 1.47
C GLU A 136 12.00 -9.80 0.08
N ALA A 137 12.60 -10.51 -0.87
CA ALA A 137 12.12 -10.49 -2.24
C ALA A 137 10.68 -11.01 -2.32
N ALA A 138 10.46 -12.23 -1.86
CA ALA A 138 9.12 -12.80 -1.91
C ALA A 138 8.11 -11.96 -1.12
N ALA A 139 8.52 -11.42 0.01
CA ALA A 139 7.62 -10.60 0.81
C ALA A 139 7.11 -9.42 -0.03
N THR A 140 8.02 -8.74 -0.73
CA THR A 140 7.64 -7.60 -1.55
C THR A 140 6.74 -8.03 -2.71
N ILE A 141 7.01 -9.19 -3.29
CA ILE A 141 6.19 -9.68 -4.40
C ILE A 141 4.78 -9.93 -3.85
N HIS A 142 4.70 -10.45 -2.63
CA HIS A 142 3.39 -10.70 -2.01
C HIS A 142 2.62 -9.41 -1.79
N ILE A 143 3.32 -8.33 -1.46
CA ILE A 143 2.63 -7.06 -1.27
C ILE A 143 2.12 -6.60 -2.62
N ALA A 144 3.00 -6.64 -3.63
CA ALA A 144 2.63 -6.25 -4.98
C ALA A 144 1.41 -7.06 -5.38
N ARG A 145 1.39 -8.33 -5.01
CA ARG A 145 0.28 -9.22 -5.32
C ARG A 145 -1.03 -8.64 -4.79
N THR A 146 -1.03 -8.21 -3.52
CA THR A 146 -2.25 -7.66 -2.92
C THR A 146 -2.66 -6.33 -3.55
N VAL A 147 -1.69 -5.51 -3.95
CA VAL A 147 -2.02 -4.23 -4.58
C VAL A 147 -2.63 -4.45 -5.97
N VAL A 148 -2.16 -5.48 -6.67
CA VAL A 148 -2.70 -5.80 -7.98
C VAL A 148 -4.17 -6.21 -7.80
N ARG A 149 -4.43 -7.04 -6.81
CA ARG A 149 -5.79 -7.49 -6.54
C ARG A 149 -6.67 -6.30 -6.14
N ARG A 150 -6.08 -5.31 -5.48
CA ARG A 150 -6.82 -4.11 -5.10
C ARG A 150 -7.16 -3.36 -6.39
N ALA A 151 -6.18 -3.28 -7.30
CA ALA A 151 -6.39 -2.61 -8.58
C ALA A 151 -7.51 -3.32 -9.32
N GLU A 152 -7.54 -4.65 -9.23
CA GLU A 152 -8.55 -5.44 -9.90
C GLU A 152 -9.95 -5.04 -9.42
N ARG A 153 -10.11 -4.84 -8.12
CA ARG A 153 -11.41 -4.44 -7.59
C ARG A 153 -11.85 -3.10 -8.18
N SER A 154 -10.91 -2.17 -8.35
CA SER A 154 -11.25 -0.87 -8.94
C SER A 154 -11.62 -1.02 -10.41
N ILE A 155 -10.94 -1.90 -11.11
CA ILE A 155 -11.22 -2.12 -12.53
C ILE A 155 -12.64 -2.70 -12.64
N VAL A 156 -12.99 -3.58 -11.72
CA VAL A 156 -14.32 -4.18 -11.72
C VAL A 156 -15.37 -3.08 -11.54
N SER A 157 -15.08 -2.12 -10.65
CA SER A 157 -16.01 -1.02 -10.42
C SER A 157 -16.13 -0.19 -11.69
N LEU A 158 -14.98 0.13 -12.30
CA LEU A 158 -14.96 0.91 -13.52
C LEU A 158 -15.86 0.31 -14.60
N GLN A 159 -15.68 -0.99 -14.82
CA GLN A 159 -16.43 -1.72 -15.83
C GLN A 159 -17.95 -1.62 -15.66
N LYS A 160 -18.41 -1.32 -14.44
CA LYS A 160 -19.84 -1.20 -14.19
C LYS A 160 -20.37 0.15 -14.66
N GLU A 161 -19.48 1.11 -14.88
CA GLU A 161 -19.89 2.43 -15.32
C GLU A 161 -19.65 2.66 -16.81
N VAL A 162 -18.54 2.15 -17.34
CA VAL A 162 -18.22 2.33 -18.75
C VAL A 162 -17.59 1.08 -19.36
N LYS A 163 -17.55 1.02 -20.68
CA LYS A 163 -16.95 -0.12 -21.35
C LYS A 163 -15.43 0.03 -21.34
N ILE A 164 -14.74 -1.04 -20.96
CA ILE A 164 -13.29 -1.04 -20.87
C ILE A 164 -12.71 -2.14 -21.75
N ASN A 165 -11.39 -2.19 -21.81
CA ASN A 165 -10.72 -3.25 -22.55
C ASN A 165 -10.84 -4.40 -21.57
N GLU A 166 -11.79 -5.29 -21.82
CA GLU A 166 -12.01 -6.42 -20.92
C GLU A 166 -10.76 -7.29 -20.73
N VAL A 167 -9.84 -7.25 -21.70
CA VAL A 167 -8.61 -8.04 -21.60
C VAL A 167 -7.79 -7.56 -20.42
N VAL A 168 -7.92 -6.29 -20.07
CA VAL A 168 -7.18 -5.71 -18.96
C VAL A 168 -7.62 -6.36 -17.65
N LEU A 169 -8.91 -6.65 -17.53
CA LEU A 169 -9.41 -7.30 -16.32
C LEU A 169 -8.86 -8.72 -16.26
N LYS A 170 -8.82 -9.41 -17.39
CA LYS A 170 -8.28 -10.77 -17.43
C LYS A 170 -6.81 -10.74 -17.02
N TYR A 171 -6.07 -9.80 -17.60
CA TYR A 171 -4.64 -9.67 -17.32
C TYR A 171 -4.35 -9.40 -15.85
N VAL A 172 -5.07 -8.45 -15.27
CA VAL A 172 -4.87 -8.10 -13.87
C VAL A 172 -5.24 -9.26 -12.96
N ASN A 173 -6.29 -9.97 -13.33
CA ASN A 173 -6.73 -11.13 -12.57
C ASN A 173 -5.59 -12.15 -12.59
N ARG A 174 -5.12 -12.48 -13.78
CA ARG A 174 -4.06 -13.47 -13.95
C ARG A 174 -2.70 -13.04 -13.37
N LEU A 175 -2.41 -11.74 -13.37
CA LEU A 175 -1.13 -11.27 -12.85
C LEU A 175 -0.92 -11.56 -11.37
N SER A 176 -1.99 -11.54 -10.56
CA SER A 176 -1.79 -11.82 -9.14
C SER A 176 -1.46 -13.29 -8.92
N ASP A 177 -1.93 -14.16 -9.81
CA ASP A 177 -1.62 -15.59 -9.71
C ASP A 177 -0.14 -15.73 -10.05
N TYR A 178 0.30 -15.00 -11.08
CA TYR A 178 1.71 -15.03 -11.47
C TYR A 178 2.57 -14.60 -10.27
N LEU A 179 2.19 -13.50 -9.63
CA LEU A 179 2.95 -13.01 -8.48
C LEU A 179 2.95 -14.01 -7.33
N PHE A 180 1.82 -14.66 -7.10
CA PHE A 180 1.76 -15.66 -6.04
C PHE A 180 2.75 -16.77 -6.38
N ALA A 181 2.71 -17.21 -7.63
CA ALA A 181 3.57 -18.28 -8.12
C ALA A 181 5.06 -17.99 -8.00
N ILE A 182 5.52 -16.82 -8.45
CA ILE A 182 6.94 -16.53 -8.35
C ILE A 182 7.38 -16.27 -6.91
N ALA A 183 6.46 -15.77 -6.08
CA ALA A 183 6.81 -15.53 -4.68
C ALA A 183 7.23 -16.85 -4.05
N ARG A 184 6.51 -17.92 -4.37
CA ARG A 184 6.84 -19.23 -3.81
C ARG A 184 8.13 -19.79 -4.40
N VAL A 185 8.39 -19.49 -5.66
CA VAL A 185 9.62 -19.96 -6.32
C VAL A 185 10.81 -19.19 -5.74
N ILE A 186 10.65 -17.90 -5.52
CA ILE A 186 11.73 -17.11 -4.96
C ILE A 186 12.12 -17.70 -3.59
N ASN A 187 11.14 -17.92 -2.72
CA ASN A 187 11.43 -18.50 -1.41
C ASN A 187 12.08 -19.88 -1.55
N ALA A 188 11.57 -20.68 -2.48
CA ALA A 188 12.13 -22.01 -2.72
C ALA A 188 13.59 -21.95 -3.17
N ARG A 189 13.89 -21.07 -4.13
CA ARG A 189 15.26 -20.94 -4.61
C ARG A 189 16.18 -20.41 -3.51
N LEU A 190 15.59 -19.68 -2.58
CA LEU A 190 16.34 -19.11 -1.46
C LEU A 190 16.25 -20.03 -0.25
N GLN A 191 15.74 -21.24 -0.47
CA GLN A 191 15.59 -22.25 0.56
C GLN A 191 14.82 -21.81 1.79
N VAL A 192 13.82 -20.97 1.58
CA VAL A 192 12.96 -20.50 2.66
C VAL A 192 11.67 -21.30 2.51
N LYS A 193 11.36 -22.11 3.50
CA LYS A 193 10.17 -22.96 3.46
C LYS A 193 8.89 -22.18 3.76
N ASP A 194 7.84 -22.48 3.01
CA ASP A 194 6.57 -21.81 3.24
C ASP A 194 6.01 -22.23 4.59
N VAL A 195 5.26 -21.34 5.22
CA VAL A 195 4.64 -21.62 6.51
C VAL A 195 3.16 -21.78 6.25
N GLU A 196 2.64 -22.98 6.52
CA GLU A 196 1.23 -23.27 6.28
C GLU A 196 0.31 -22.75 7.38
N TYR A 197 -0.84 -22.22 6.95
CA TYR A 197 -1.88 -21.71 7.85
C TYR A 197 -2.11 -22.79 8.91
N ASN A 198 -2.09 -22.42 10.19
CA ASN A 198 -2.27 -23.42 11.24
C ASN A 198 -3.65 -24.08 11.35
N ARG A 199 -4.64 -23.60 10.61
CA ARG A 199 -5.94 -24.26 10.65
C ARG A 199 -5.74 -25.40 9.65
N SER A 200 -5.15 -26.48 10.15
CA SER A 200 -4.80 -27.65 9.35
C SER A 200 -5.90 -28.34 8.56
N ALA A 201 -7.16 -28.12 8.91
CA ALA A 201 -8.24 -28.76 8.18
C ALA A 201 -8.69 -27.95 6.97
N VAL A 202 -8.22 -26.70 6.88
CA VAL A 202 -8.60 -25.84 5.75
C VAL A 202 -7.87 -26.23 4.48
N MET B 21 -3.30 -29.09 -12.36
CA MET B 21 -3.46 -28.09 -11.27
C MET B 21 -4.17 -26.83 -11.80
N LYS B 22 -3.37 -25.92 -12.36
CA LYS B 22 -3.90 -24.67 -12.90
C LYS B 22 -4.35 -23.74 -11.78
N LEU B 23 -3.41 -22.91 -11.31
CA LEU B 23 -3.68 -21.94 -10.24
C LEU B 23 -4.83 -21.01 -10.65
N TYR B 24 -4.89 -20.70 -11.94
CA TYR B 24 -5.94 -19.84 -12.46
C TYR B 24 -7.06 -20.74 -12.97
N THR B 25 -8.30 -20.35 -12.71
CA THR B 25 -9.46 -21.12 -13.15
C THR B 25 -10.21 -20.30 -14.19
N LYS B 26 -9.89 -18.99 -14.23
CA LYS B 26 -10.52 -18.05 -15.16
C LYS B 26 -11.97 -17.74 -14.82
N THR B 27 -12.50 -18.36 -13.76
CA THR B 27 -13.88 -18.10 -13.37
C THR B 27 -14.05 -16.67 -12.86
N GLY B 28 -12.94 -16.01 -12.56
CA GLY B 28 -13.02 -14.65 -12.06
C GLY B 28 -12.71 -13.60 -13.11
N ASP B 29 -12.46 -14.03 -14.34
CA ASP B 29 -12.12 -13.11 -15.42
C ASP B 29 -13.19 -12.08 -15.77
N LYS B 30 -14.43 -12.32 -15.36
CA LYS B 30 -15.52 -11.40 -15.66
C LYS B 30 -15.82 -10.41 -14.54
N GLY B 31 -15.17 -10.57 -13.39
CA GLY B 31 -15.41 -9.64 -12.31
C GLY B 31 -16.15 -10.16 -11.09
N THR B 32 -16.52 -11.44 -11.11
CA THR B 32 -17.21 -12.04 -9.98
C THR B 32 -16.28 -13.05 -9.35
N THR B 33 -16.49 -13.30 -8.06
CA THR B 33 -15.66 -14.25 -7.33
C THR B 33 -16.50 -14.88 -6.25
N SER B 34 -15.99 -15.91 -5.61
CA SER B 34 -16.77 -16.56 -4.57
C SER B 34 -16.29 -16.23 -3.17
N VAL B 35 -17.24 -16.22 -2.24
CA VAL B 35 -16.96 -15.97 -0.83
C VAL B 35 -17.47 -17.24 -0.15
N ILE B 36 -17.51 -17.27 1.18
CA ILE B 36 -17.99 -18.47 1.86
C ILE B 36 -19.50 -18.40 2.01
N GLY B 37 -20.20 -19.08 1.09
CA GLY B 37 -21.65 -19.10 1.11
C GLY B 37 -22.27 -18.35 -0.06
N GLY B 38 -21.50 -18.17 -1.13
CA GLY B 38 -22.03 -17.46 -2.28
C GLY B 38 -21.00 -16.80 -3.19
N ARG B 39 -21.49 -16.14 -4.23
CA ARG B 39 -20.62 -15.44 -5.18
C ARG B 39 -21.04 -13.97 -5.24
N VAL B 40 -20.07 -13.08 -5.36
CA VAL B 40 -20.36 -11.65 -5.43
C VAL B 40 -19.36 -10.97 -6.36
N ASP B 41 -19.60 -9.71 -6.68
CA ASP B 41 -18.70 -8.97 -7.54
C ASP B 41 -17.44 -8.70 -6.71
N LYS B 42 -16.29 -8.64 -7.38
CA LYS B 42 -15.01 -8.41 -6.70
C LYS B 42 -14.89 -7.05 -6.04
N ASP B 43 -15.76 -6.11 -6.40
CA ASP B 43 -15.71 -4.78 -5.81
C ASP B 43 -16.69 -4.65 -4.64
N ASP B 44 -17.29 -5.76 -4.25
CA ASP B 44 -18.22 -5.77 -3.13
C ASP B 44 -17.40 -5.45 -1.89
N ILE B 45 -17.96 -4.67 -0.97
CA ILE B 45 -17.25 -4.30 0.24
C ILE B 45 -16.71 -5.50 1.03
N ARG B 46 -17.38 -6.64 0.93
CA ARG B 46 -16.93 -7.85 1.64
C ARG B 46 -15.58 -8.29 1.08
N VAL B 47 -15.45 -8.28 -0.24
CA VAL B 47 -14.21 -8.68 -0.88
C VAL B 47 -13.11 -7.63 -0.62
N GLU B 48 -13.50 -6.36 -0.55
CA GLU B 48 -12.54 -5.31 -0.28
C GLU B 48 -11.94 -5.46 1.13
N ALA B 49 -12.79 -5.77 2.10
CA ALA B 49 -12.32 -5.95 3.48
C ALA B 49 -11.39 -7.16 3.53
N TYR B 50 -11.83 -8.25 2.91
CA TYR B 50 -11.05 -9.48 2.85
C TYR B 50 -9.70 -9.18 2.20
N GLY B 51 -9.74 -8.51 1.06
CA GLY B 51 -8.52 -8.19 0.34
C GLY B 51 -7.56 -7.31 1.14
N THR B 52 -8.08 -6.32 1.85
CA THR B 52 -7.23 -5.42 2.62
C THR B 52 -6.60 -6.10 3.84
N ILE B 53 -7.24 -7.15 4.34
CA ILE B 53 -6.67 -7.90 5.47
C ILE B 53 -5.46 -8.63 4.89
N ASP B 54 -5.64 -9.20 3.70
CA ASP B 54 -4.56 -9.93 3.02
C ASP B 54 -3.41 -8.95 2.77
N GLU B 55 -3.74 -7.72 2.40
CA GLU B 55 -2.73 -6.69 2.13
C GLU B 55 -1.97 -6.37 3.43
N ALA B 56 -2.70 -6.19 4.52
CA ALA B 56 -2.10 -5.88 5.80
C ALA B 56 -1.20 -7.05 6.23
N ASN B 57 -1.68 -8.27 6.01
CA ASN B 57 -0.92 -9.47 6.38
C ASN B 57 0.40 -9.49 5.59
N SER B 58 0.35 -9.14 4.31
CA SER B 58 1.55 -9.12 3.47
C SER B 58 2.57 -8.08 3.98
N HIS B 59 2.08 -6.91 4.41
CA HIS B 59 3.00 -5.90 4.92
C HIS B 59 3.68 -6.40 6.18
N ILE B 60 2.93 -7.13 7.01
CA ILE B 60 3.50 -7.68 8.25
C ILE B 60 4.57 -8.69 7.85
N GLY B 61 4.32 -9.42 6.77
CA GLY B 61 5.27 -10.40 6.29
C GLY B 61 6.59 -9.77 5.90
N TYR B 62 6.52 -8.59 5.28
CA TYR B 62 7.72 -7.88 4.87
C TYR B 62 8.44 -7.32 6.12
N ALA B 63 7.67 -6.78 7.05
CA ALA B 63 8.25 -6.21 8.27
C ALA B 63 9.01 -7.30 9.03
N MET B 64 8.48 -8.51 9.02
CA MET B 64 9.11 -9.61 9.73
C MET B 64 10.52 -9.92 9.21
N THR B 65 10.76 -9.71 7.91
CA THR B 65 12.07 -9.97 7.34
C THR B 65 13.11 -9.02 7.92
N LYS B 66 12.64 -7.91 8.49
CA LYS B 66 13.53 -6.92 9.09
C LYS B 66 13.74 -7.18 10.58
N LEU B 67 12.96 -8.11 11.14
CA LEU B 67 13.04 -8.43 12.55
C LEU B 67 13.54 -9.84 12.81
N GLN B 68 14.52 -10.29 12.02
CA GLN B 68 15.03 -11.63 12.19
C GLN B 68 16.17 -11.74 13.20
N GLY B 69 16.59 -10.61 13.77
CA GLY B 69 17.65 -10.64 14.76
C GLY B 69 17.34 -11.51 15.97
N GLY B 70 18.39 -11.93 16.69
CA GLY B 70 18.18 -12.74 17.86
C GLY B 70 17.57 -11.88 18.96
N ALA B 71 17.68 -10.57 18.79
CA ALA B 71 17.14 -9.62 19.75
C ALA B 71 15.65 -9.38 19.50
N PHE B 72 15.12 -9.98 18.44
CA PHE B 72 13.72 -9.80 18.09
C PHE B 72 12.92 -11.08 17.96
N ILE B 73 13.47 -12.21 18.43
CA ILE B 73 12.77 -13.48 18.32
C ILE B 73 11.36 -13.40 18.92
N ASP B 74 11.20 -12.68 20.02
CA ASP B 74 9.89 -12.56 20.65
C ASP B 74 8.90 -11.82 19.75
N ILE B 75 9.32 -10.67 19.22
CA ILE B 75 8.43 -9.91 18.34
C ILE B 75 8.17 -10.64 17.03
N TYR B 76 9.21 -11.24 16.47
CA TYR B 76 9.05 -11.98 15.22
C TYR B 76 8.01 -13.09 15.41
N ASN B 77 8.21 -13.89 16.45
CA ASN B 77 7.32 -15.01 16.75
C ASN B 77 5.87 -14.58 16.98
N GLU B 78 5.67 -13.42 17.62
CA GLU B 78 4.32 -12.93 17.88
C GLU B 78 3.67 -12.47 16.59
N LEU B 79 4.47 -11.90 15.70
CA LEU B 79 3.97 -11.42 14.41
C LEU B 79 3.57 -12.62 13.56
N GLU B 80 4.37 -13.69 13.61
CA GLU B 80 4.07 -14.88 12.84
C GLU B 80 2.71 -15.42 13.25
N ASN B 81 2.46 -15.44 14.56
CA ASN B 81 1.18 -15.90 15.08
C ASN B 81 0.08 -14.99 14.56
N ILE B 82 0.32 -13.68 14.63
CA ILE B 82 -0.65 -12.70 14.16
C ILE B 82 -1.01 -12.92 12.69
N GLN B 83 -0.05 -13.38 11.89
CA GLN B 83 -0.34 -13.64 10.48
C GLN B 83 -1.39 -14.74 10.35
N HIS B 84 -1.32 -15.77 11.19
CA HIS B 84 -2.31 -16.84 11.14
C HIS B 84 -3.66 -16.27 11.55
N GLU B 85 -3.65 -15.46 12.61
CA GLU B 85 -4.87 -14.85 13.11
C GLU B 85 -5.49 -13.88 12.10
N LEU B 86 -4.66 -13.29 11.26
CA LEU B 86 -5.13 -12.37 10.24
C LEU B 86 -5.85 -13.20 9.18
N PHE B 87 -5.39 -14.44 8.98
CA PHE B 87 -6.03 -15.32 8.02
C PHE B 87 -7.40 -15.68 8.61
N ASP B 88 -7.46 -15.86 9.93
CA ASP B 88 -8.74 -16.17 10.58
C ASP B 88 -9.69 -14.98 10.36
N CYS B 89 -9.16 -13.76 10.55
CA CYS B 89 -9.98 -12.57 10.35
C CYS B 89 -10.51 -12.57 8.92
N GLY B 90 -9.64 -12.90 7.97
CA GLY B 90 -10.05 -12.94 6.57
C GLY B 90 -11.18 -13.94 6.35
N GLY B 91 -11.00 -15.15 6.88
CA GLY B 91 -12.03 -16.17 6.73
C GLY B 91 -13.37 -15.76 7.32
N ASP B 92 -13.34 -15.22 8.54
CA ASP B 92 -14.56 -14.79 9.21
C ASP B 92 -15.35 -13.77 8.38
N LEU B 93 -14.65 -12.76 7.87
CA LEU B 93 -15.25 -11.71 7.05
C LEU B 93 -15.84 -12.22 5.74
N ALA B 94 -15.34 -13.36 5.25
CA ALA B 94 -15.81 -13.93 4.00
C ALA B 94 -17.03 -14.84 4.20
N ILE B 95 -17.43 -15.03 5.45
CA ILE B 95 -18.56 -15.90 5.76
C ILE B 95 -19.91 -15.23 5.54
N VAL B 96 -20.71 -15.79 4.64
CA VAL B 96 -22.03 -15.24 4.37
C VAL B 96 -23.06 -15.91 5.27
N GLU B 97 -23.81 -15.10 6.00
CA GLU B 97 -24.85 -15.58 6.91
C GLU B 97 -24.43 -16.79 7.75
N GLN B 98 -23.30 -16.66 8.42
CA GLN B 98 -22.79 -17.73 9.27
C GLN B 98 -22.83 -19.14 8.66
N LYS B 99 -22.43 -19.26 7.41
CA LYS B 99 -22.40 -20.54 6.72
C LYS B 99 -21.54 -21.54 7.54
N ILE B 100 -20.48 -21.03 8.17
CA ILE B 100 -19.61 -21.84 9.00
C ILE B 100 -19.20 -21.03 10.24
N PRO B 101 -18.67 -21.70 11.27
CA PRO B 101 -18.25 -21.03 12.51
C PRO B 101 -17.17 -19.97 12.38
N TYR B 102 -17.30 -18.89 13.15
CA TYR B 102 -16.32 -17.83 13.18
C TYR B 102 -15.14 -18.36 14.01
N LYS B 103 -13.93 -17.94 13.69
CA LYS B 103 -12.77 -18.42 14.43
C LYS B 103 -12.16 -17.39 15.38
N VAL B 104 -12.21 -16.11 15.01
CA VAL B 104 -11.64 -15.07 15.85
C VAL B 104 -12.48 -14.83 17.10
N THR B 105 -11.87 -15.03 18.27
CA THR B 105 -12.56 -14.84 19.54
C THR B 105 -11.90 -13.76 20.38
N ILE B 106 -12.57 -13.36 21.45
CA ILE B 106 -12.05 -12.32 22.33
C ILE B 106 -10.71 -12.67 22.97
N VAL B 107 -10.41 -13.95 23.09
CA VAL B 107 -9.16 -14.40 23.68
C VAL B 107 -7.94 -13.82 22.94
N MET B 108 -8.02 -13.80 21.62
CA MET B 108 -6.95 -13.29 20.79
C MET B 108 -6.79 -11.79 20.94
N VAL B 109 -7.89 -11.11 21.23
CA VAL B 109 -7.84 -9.66 21.41
C VAL B 109 -7.13 -9.36 22.72
N GLU B 110 -7.47 -10.11 23.76
CA GLU B 110 -6.86 -9.90 25.07
C GLU B 110 -5.38 -10.25 25.04
N SER B 111 -5.02 -11.25 24.24
CA SER B 111 -3.62 -11.64 24.12
C SER B 111 -2.82 -10.44 23.59
N LEU B 112 -3.41 -9.70 22.65
CA LEU B 112 -2.76 -8.52 22.08
C LEU B 112 -2.61 -7.46 23.18
N GLU B 113 -3.67 -7.29 23.96
CA GLU B 113 -3.68 -6.33 25.05
C GLU B 113 -2.59 -6.56 26.07
N ARG B 114 -2.33 -7.82 26.42
CA ARG B 114 -1.29 -8.12 27.40
C ARG B 114 0.09 -7.78 26.86
N LYS B 115 0.32 -8.04 25.58
CA LYS B 115 1.61 -7.74 24.97
C LYS B 115 1.79 -6.23 24.87
N ILE B 116 0.72 -5.51 24.54
CA ILE B 116 0.79 -4.06 24.46
C ILE B 116 1.21 -3.49 25.82
N ASP B 117 0.60 -3.99 26.90
CA ASP B 117 0.94 -3.50 28.22
C ASP B 117 2.42 -3.71 28.48
N LEU B 118 2.92 -4.89 28.14
CA LEU B 118 4.33 -5.20 28.35
C LEU B 118 5.25 -4.28 27.54
N TYR B 119 4.92 -4.08 26.27
CA TYR B 119 5.74 -3.23 25.41
C TYR B 119 5.72 -1.75 25.79
N ILE B 120 4.59 -1.28 26.33
CA ILE B 120 4.50 0.12 26.75
C ILE B 120 5.43 0.31 27.93
N GLU B 121 5.57 -0.75 28.71
CA GLU B 121 6.43 -0.76 29.88
C GLU B 121 7.90 -0.78 29.45
N GLU B 122 8.20 -1.57 28.43
CA GLU B 122 9.58 -1.68 27.94
C GLU B 122 10.08 -0.38 27.31
N ALA B 123 9.29 0.17 26.39
CA ALA B 123 9.66 1.39 25.69
C ALA B 123 9.74 2.59 26.64
N PRO B 124 10.52 3.61 26.26
CA PRO B 124 10.69 4.83 27.06
C PRO B 124 9.35 5.55 27.16
N PRO B 125 9.19 6.45 28.15
CA PRO B 125 7.93 7.17 28.27
C PRO B 125 7.65 8.00 27.02
N LEU B 126 6.41 7.97 26.56
CA LEU B 126 5.98 8.70 25.37
C LEU B 126 5.68 10.16 25.72
N GLU B 127 6.53 11.07 25.26
CA GLU B 127 6.33 12.48 25.56
C GLU B 127 5.77 13.33 24.41
N ARG B 128 6.36 13.20 23.22
CA ARG B 128 5.88 13.97 22.09
C ARG B 128 5.17 13.11 21.04
N PHE B 129 4.55 13.77 20.06
CA PHE B 129 3.86 13.05 19.00
C PHE B 129 4.90 12.36 18.14
N ILE B 130 4.65 11.10 17.83
CA ILE B 130 5.58 10.31 17.02
C ILE B 130 5.27 10.39 15.53
N LEU B 131 6.32 10.51 14.73
CA LEU B 131 6.19 10.52 13.28
C LEU B 131 6.72 9.14 12.89
N PRO B 132 6.13 8.51 11.87
CA PRO B 132 6.60 7.18 11.45
C PRO B 132 8.01 7.19 10.87
N GLY B 133 8.87 6.33 11.40
CA GLY B 133 10.24 6.24 10.92
C GLY B 133 11.19 5.79 12.02
N GLY B 134 12.49 5.99 11.80
CA GLY B 134 13.50 5.59 12.78
C GLY B 134 14.31 4.47 12.16
N SER B 135 14.40 3.33 12.84
CA SER B 135 15.14 2.18 12.30
C SER B 135 14.28 1.65 11.15
N GLU B 136 14.89 0.98 10.18
CA GLU B 136 14.10 0.48 9.07
C GLU B 136 13.04 -0.53 9.53
N ALA B 137 13.37 -1.33 10.54
CA ALA B 137 12.41 -2.31 11.06
C ALA B 137 11.17 -1.58 11.59
N ALA B 138 11.38 -0.57 12.44
CA ALA B 138 10.26 0.19 12.99
C ALA B 138 9.47 0.88 11.88
N ALA B 139 10.19 1.44 10.92
CA ALA B 139 9.56 2.15 9.79
C ALA B 139 8.61 1.23 9.06
N THR B 140 9.03 0.00 8.80
CA THR B 140 8.19 -0.96 8.09
C THR B 140 6.99 -1.38 8.93
N ILE B 141 7.17 -1.48 10.25
CA ILE B 141 6.06 -1.83 11.13
C ILE B 141 5.03 -0.70 11.11
N HIS B 142 5.50 0.55 11.09
CA HIS B 142 4.59 1.70 11.05
C HIS B 142 3.75 1.69 9.79
N ILE B 143 4.34 1.27 8.68
CA ILE B 143 3.62 1.21 7.43
C ILE B 143 2.53 0.12 7.57
N ALA B 144 2.92 -1.02 8.11
CA ALA B 144 1.97 -2.12 8.30
C ALA B 144 0.84 -1.63 9.20
N ARG B 145 1.19 -0.79 10.17
CA ARG B 145 0.19 -0.24 11.08
C ARG B 145 -0.88 0.53 10.32
N THR B 146 -0.46 1.37 9.36
CA THR B 146 -1.44 2.16 8.60
C THR B 146 -2.30 1.29 7.69
N VAL B 147 -1.74 0.17 7.21
CA VAL B 147 -2.52 -0.71 6.35
C VAL B 147 -3.56 -1.43 7.18
N VAL B 148 -3.19 -1.81 8.40
CA VAL B 148 -4.13 -2.49 9.29
C VAL B 148 -5.30 -1.56 9.55
N ARG B 149 -4.99 -0.29 9.82
CA ARG B 149 -6.02 0.70 10.09
C ARG B 149 -6.88 0.96 8.85
N ARG B 150 -6.31 0.75 7.65
CA ARG B 150 -7.07 0.93 6.42
C ARG B 150 -8.01 -0.27 6.30
N ALA B 151 -7.53 -1.44 6.72
CA ALA B 151 -8.33 -2.65 6.68
C ALA B 151 -9.49 -2.47 7.64
N GLU B 152 -9.23 -1.82 8.76
CA GLU B 152 -10.26 -1.59 9.76
C GLU B 152 -11.41 -0.74 9.20
N ARG B 153 -11.08 0.30 8.44
CA ARG B 153 -12.10 1.17 7.86
C ARG B 153 -13.02 0.39 6.93
N SER B 154 -12.46 -0.53 6.14
CA SER B 154 -13.25 -1.35 5.23
C SER B 154 -14.16 -2.26 6.05
N ILE B 155 -13.64 -2.83 7.13
CA ILE B 155 -14.43 -3.71 7.96
C ILE B 155 -15.62 -2.92 8.52
N VAL B 156 -15.37 -1.68 8.92
CA VAL B 156 -16.44 -0.83 9.45
C VAL B 156 -17.51 -0.59 8.38
N SER B 157 -17.09 -0.44 7.12
CA SER B 157 -18.04 -0.22 6.03
C SER B 157 -18.84 -1.49 5.77
N LEU B 158 -18.17 -2.64 5.90
CA LEU B 158 -18.82 -3.93 5.70
C LEU B 158 -19.91 -4.14 6.73
N GLN B 159 -19.55 -3.89 7.99
CA GLN B 159 -20.45 -4.05 9.12
C GLN B 159 -21.74 -3.24 8.91
N LYS B 160 -21.67 -2.20 8.10
CA LYS B 160 -22.85 -1.37 7.83
C LYS B 160 -23.80 -2.01 6.83
N GLU B 161 -23.32 -2.98 6.08
CA GLU B 161 -24.13 -3.66 5.08
C GLU B 161 -24.61 -5.03 5.57
N VAL B 162 -23.77 -5.72 6.32
CA VAL B 162 -24.12 -7.04 6.81
C VAL B 162 -23.62 -7.30 8.23
N LYS B 163 -24.12 -8.37 8.84
CA LYS B 163 -23.69 -8.73 10.18
C LYS B 163 -22.34 -9.44 10.04
N ILE B 164 -21.38 -9.03 10.86
CA ILE B 164 -20.06 -9.63 10.81
C ILE B 164 -19.69 -10.12 12.21
N ASN B 165 -18.55 -10.79 12.30
CA ASN B 165 -18.06 -11.22 13.59
C ASN B 165 -17.44 -9.96 14.20
N GLU B 166 -18.19 -9.32 15.10
CA GLU B 166 -17.74 -8.09 15.73
C GLU B 166 -16.37 -8.17 16.40
N VAL B 167 -15.94 -9.37 16.75
CA VAL B 167 -14.64 -9.52 17.40
C VAL B 167 -13.51 -9.20 16.41
N VAL B 168 -13.74 -9.45 15.12
CA VAL B 168 -12.73 -9.16 14.11
C VAL B 168 -12.46 -7.65 14.10
N LEU B 169 -13.50 -6.86 14.31
CA LEU B 169 -13.33 -5.42 14.34
C LEU B 169 -12.49 -5.05 15.56
N LYS B 170 -12.78 -5.64 16.72
CA LYS B 170 -12.01 -5.33 17.93
C LYS B 170 -10.55 -5.76 17.73
N TYR B 171 -10.35 -6.94 17.17
CA TYR B 171 -9.00 -7.44 16.94
C TYR B 171 -8.19 -6.49 16.05
N VAL B 172 -8.74 -6.16 14.89
CA VAL B 172 -8.06 -5.27 13.95
C VAL B 172 -7.83 -3.91 14.57
N ASN B 173 -8.72 -3.51 15.47
CA ASN B 173 -8.59 -2.23 16.14
C ASN B 173 -7.40 -2.29 17.10
N ARG B 174 -7.38 -3.34 17.92
CA ARG B 174 -6.30 -3.49 18.88
C ARG B 174 -4.97 -3.77 18.18
N LEU B 175 -5.02 -4.48 17.05
CA LEU B 175 -3.80 -4.82 16.33
C LEU B 175 -2.93 -3.62 15.97
N SER B 176 -3.53 -2.52 15.50
CA SER B 176 -2.72 -1.36 15.14
C SER B 176 -2.03 -0.77 16.37
N ASP B 177 -2.60 -0.97 17.56
CA ASP B 177 -1.98 -0.49 18.80
C ASP B 177 -0.78 -1.36 19.11
N TYR B 178 -0.94 -2.67 18.88
CA TYR B 178 0.15 -3.60 19.12
C TYR B 178 1.33 -3.19 18.23
N LEU B 179 1.04 -2.96 16.95
CA LEU B 179 2.07 -2.57 15.98
C LEU B 179 2.75 -1.26 16.37
N PHE B 180 1.96 -0.28 16.80
CA PHE B 180 2.52 1.01 17.22
C PHE B 180 3.46 0.79 18.41
N ALA B 181 3.03 -0.03 19.36
CA ALA B 181 3.84 -0.31 20.55
C ALA B 181 5.16 -1.01 20.23
N ILE B 182 5.14 -2.00 19.35
CA ILE B 182 6.40 -2.69 19.04
C ILE B 182 7.31 -1.84 18.17
N ALA B 183 6.75 -0.90 17.41
CA ALA B 183 7.57 -0.04 16.58
C ALA B 183 8.49 0.74 17.50
N ARG B 184 7.92 1.27 18.59
CA ARG B 184 8.72 2.02 19.55
C ARG B 184 9.72 1.12 20.28
N VAL B 185 9.31 -0.08 20.65
CA VAL B 185 10.22 -1.00 21.34
C VAL B 185 11.39 -1.36 20.42
N ILE B 186 11.08 -1.53 19.13
CA ILE B 186 12.11 -1.87 18.15
C ILE B 186 13.17 -0.77 18.06
N ASN B 187 12.72 0.48 18.00
CA ASN B 187 13.68 1.58 17.94
C ASN B 187 14.50 1.56 19.24
N ALA B 188 13.82 1.40 20.37
CA ALA B 188 14.47 1.38 21.67
C ALA B 188 15.57 0.31 21.75
N ARG B 189 15.25 -0.92 21.35
CA ARG B 189 16.22 -2.01 21.38
C ARG B 189 17.43 -1.76 20.48
N LEU B 190 17.20 -1.08 19.37
CA LEU B 190 18.25 -0.75 18.42
C LEU B 190 18.94 0.54 18.85
N GLN B 191 18.50 1.09 19.98
CA GLN B 191 19.02 2.34 20.52
C GLN B 191 18.86 3.50 19.52
N VAL B 192 17.69 3.54 18.90
CA VAL B 192 17.34 4.60 17.96
C VAL B 192 16.18 5.35 18.59
N LYS B 193 16.28 6.68 18.63
CA LYS B 193 15.22 7.48 19.21
C LYS B 193 14.03 7.47 18.27
N ASP B 194 12.82 7.59 18.81
CA ASP B 194 11.62 7.62 17.98
C ASP B 194 11.64 8.96 17.26
N VAL B 195 11.15 8.98 16.02
CA VAL B 195 11.09 10.23 15.29
C VAL B 195 9.87 10.98 15.83
N GLU B 196 10.07 12.16 16.40
CA GLU B 196 8.94 12.89 16.94
C GLU B 196 8.67 14.22 16.23
N TYR B 197 7.41 14.63 16.27
CA TYR B 197 7.00 15.88 15.67
C TYR B 197 7.64 16.96 16.54
N ASN B 198 8.56 17.71 15.95
CA ASN B 198 9.26 18.75 16.70
C ASN B 198 10.02 19.68 15.76
N ARG B 199 9.50 20.89 15.61
CA ARG B 199 10.11 21.89 14.75
C ARG B 199 10.44 23.16 15.53
N LEU C 23 -2.61 2.40 25.82
CA LEU C 23 -2.68 2.85 24.40
C LEU C 23 -4.07 2.57 23.84
N TYR C 24 -4.67 1.47 24.29
CA TYR C 24 -6.00 1.09 23.83
C TYR C 24 -7.10 1.51 24.81
N THR C 25 -8.09 2.25 24.32
CA THR C 25 -9.19 2.71 25.15
C THR C 25 -10.45 1.87 24.88
N LYS C 26 -10.48 1.21 23.73
CA LYS C 26 -11.60 0.36 23.33
C LYS C 26 -12.84 1.16 22.93
N THR C 27 -12.76 2.49 22.97
CA THR C 27 -13.90 3.32 22.60
C THR C 27 -14.15 3.25 21.09
N GLY C 28 -13.18 2.75 20.34
CA GLY C 28 -13.34 2.65 18.90
C GLY C 28 -13.63 1.23 18.44
N ASP C 29 -13.87 0.32 19.39
CA ASP C 29 -14.13 -1.07 19.05
C ASP C 29 -15.42 -1.33 18.29
N LYS C 30 -16.32 -0.34 18.24
CA LYS C 30 -17.57 -0.51 17.54
C LYS C 30 -17.62 0.17 16.17
N GLY C 31 -16.54 0.82 15.78
CA GLY C 31 -16.53 1.45 14.47
C GLY C 31 -16.53 2.96 14.41
N THR C 32 -16.69 3.63 15.55
CA THR C 32 -16.68 5.09 15.56
C THR C 32 -15.36 5.54 16.16
N THR C 33 -14.98 6.79 15.90
CA THR C 33 -13.73 7.31 16.43
C THR C 33 -13.83 8.81 16.63
N SER C 34 -12.83 9.38 17.29
CA SER C 34 -12.81 10.81 17.56
C SER C 34 -12.02 11.63 16.56
N VAL C 35 -12.53 12.81 16.25
CA VAL C 35 -11.89 13.74 15.32
C VAL C 35 -11.95 15.12 15.98
N ILE C 36 -11.18 16.08 15.45
CA ILE C 36 -11.19 17.44 16.02
C ILE C 36 -12.57 18.04 15.90
N GLY C 37 -13.23 18.25 17.04
CA GLY C 37 -14.55 18.84 17.02
C GLY C 37 -15.70 17.85 16.92
N GLY C 38 -15.44 16.57 17.17
CA GLY C 38 -16.51 15.60 17.10
C GLY C 38 -16.08 14.17 16.82
N ARG C 39 -17.06 13.28 16.78
CA ARG C 39 -16.82 11.87 16.50
C ARG C 39 -17.53 11.48 15.22
N VAL C 40 -16.93 10.58 14.46
CA VAL C 40 -17.51 10.12 13.20
C VAL C 40 -17.21 8.63 13.04
N ASP C 41 -17.83 8.02 12.04
CA ASP C 41 -17.61 6.61 11.74
C ASP C 41 -16.21 6.50 11.15
N LYS C 42 -15.50 5.43 11.49
CA LYS C 42 -14.13 5.22 10.99
C LYS C 42 -14.01 5.10 9.48
N ASP C 43 -15.12 4.88 8.80
CA ASP C 43 -15.07 4.78 7.35
C ASP C 43 -15.52 6.10 6.72
N ASP C 44 -15.62 7.14 7.55
CA ASP C 44 -16.00 8.48 7.07
C ASP C 44 -14.85 8.93 6.17
N ILE C 45 -15.18 9.48 5.01
CA ILE C 45 -14.16 9.93 4.06
C ILE C 45 -13.10 10.83 4.71
N ARG C 46 -13.48 11.52 5.77
CA ARG C 46 -12.57 12.42 6.49
C ARG C 46 -11.46 11.58 7.14
N VAL C 47 -11.84 10.44 7.70
CA VAL C 47 -10.89 9.55 8.35
C VAL C 47 -10.09 8.77 7.32
N GLU C 48 -10.67 8.55 6.15
CA GLU C 48 -9.99 7.83 5.07
C GLU C 48 -8.85 8.71 4.56
N ALA C 49 -9.15 9.99 4.36
CA ALA C 49 -8.17 10.96 3.89
C ALA C 49 -7.03 11.06 4.91
N TYR C 50 -7.42 11.25 6.16
CA TYR C 50 -6.49 11.37 7.27
C TYR C 50 -5.61 10.13 7.40
N GLY C 51 -6.23 8.96 7.25
CA GLY C 51 -5.50 7.71 7.35
C GLY C 51 -4.54 7.49 6.20
N THR C 52 -4.95 7.86 4.99
CA THR C 52 -4.08 7.67 3.84
C THR C 52 -2.89 8.65 3.88
N ILE C 53 -3.09 9.81 4.51
CA ILE C 53 -2.00 10.77 4.63
C ILE C 53 -0.99 10.12 5.56
N ASP C 54 -1.50 9.49 6.62
CA ASP C 54 -0.67 8.80 7.59
C ASP C 54 0.08 7.67 6.87
N GLU C 55 -0.62 6.93 6.02
CA GLU C 55 0.00 5.82 5.27
C GLU C 55 1.14 6.35 4.41
N ALA C 56 0.87 7.45 3.70
CA ALA C 56 1.88 8.06 2.84
C ALA C 56 3.09 8.52 3.66
N ASN C 57 2.81 9.13 4.82
CA ASN C 57 3.86 9.63 5.71
C ASN C 57 4.73 8.46 6.19
N SER C 58 4.10 7.30 6.34
CA SER C 58 4.84 6.12 6.80
C SER C 58 5.83 5.66 5.74
N HIS C 59 5.41 5.67 4.48
CA HIS C 59 6.29 5.26 3.40
C HIS C 59 7.49 6.20 3.30
N ILE C 60 7.27 7.49 3.51
CA ILE C 60 8.37 8.45 3.46
C ILE C 60 9.35 8.14 4.59
N GLY C 61 8.80 7.71 5.73
CA GLY C 61 9.63 7.36 6.87
C GLY C 61 10.56 6.21 6.53
N TYR C 62 10.03 5.24 5.78
CA TYR C 62 10.81 4.08 5.37
C TYR C 62 11.88 4.51 4.37
N ALA C 63 11.47 5.24 3.33
CA ALA C 63 12.41 5.71 2.31
C ALA C 63 13.57 6.47 2.95
N MET C 64 13.26 7.25 3.98
CA MET C 64 14.27 8.03 4.67
C MET C 64 15.38 7.18 5.26
N THR C 65 15.07 5.96 5.70
CA THR C 65 16.09 5.09 6.28
C THR C 65 17.10 4.65 5.21
N LYS C 66 16.84 5.04 3.96
CA LYS C 66 17.74 4.70 2.86
C LYS C 66 18.47 5.94 2.32
N LEU C 67 18.13 7.10 2.86
CA LEU C 67 18.74 8.37 2.43
C LEU C 67 19.46 9.08 3.57
N GLN C 68 20.07 8.32 4.47
CA GLN C 68 20.77 8.92 5.61
C GLN C 68 22.21 9.37 5.33
N GLY C 69 22.76 8.97 4.18
CA GLY C 69 24.12 9.35 3.88
C GLY C 69 24.36 10.83 3.63
N GLY C 70 25.63 11.24 3.75
CA GLY C 70 25.97 12.64 3.53
C GLY C 70 25.57 13.12 2.14
N ALA C 71 25.62 12.24 1.17
CA ALA C 71 25.26 12.60 -0.20
C ALA C 71 23.78 12.99 -0.34
N PHE C 72 22.99 12.72 0.70
CA PHE C 72 21.57 13.04 0.64
C PHE C 72 21.05 13.94 1.76
N ILE C 73 21.94 14.64 2.45
CA ILE C 73 21.52 15.53 3.54
C ILE C 73 20.42 16.49 3.11
N ASP C 74 20.57 17.08 1.93
CA ASP C 74 19.58 18.02 1.43
C ASP C 74 18.20 17.36 1.32
N ILE C 75 18.11 16.28 0.56
CA ILE C 75 16.86 15.56 0.38
C ILE C 75 16.32 14.99 1.71
N TYR C 76 17.21 14.50 2.56
CA TYR C 76 16.79 13.93 3.83
C TYR C 76 16.20 14.95 4.78
N ASN C 77 16.82 16.13 4.87
CA ASN C 77 16.29 17.17 5.75
C ASN C 77 14.95 17.68 5.25
N GLU C 78 14.79 17.77 3.93
CA GLU C 78 13.53 18.24 3.35
C GLU C 78 12.43 17.22 3.65
N LEU C 79 12.81 15.94 3.65
CA LEU C 79 11.85 14.87 3.93
C LEU C 79 11.41 14.92 5.39
N GLU C 80 12.33 15.24 6.30
CA GLU C 80 11.98 15.36 7.71
C GLU C 80 10.92 16.43 7.85
N ASN C 81 11.13 17.55 7.18
CA ASN C 81 10.20 18.68 7.22
C ASN C 81 8.88 18.27 6.59
N ILE C 82 8.95 17.53 5.48
CA ILE C 82 7.75 17.09 4.80
C ILE C 82 6.91 16.19 5.69
N GLN C 83 7.55 15.41 6.57
CA GLN C 83 6.78 14.55 7.46
C GLN C 83 5.95 15.40 8.42
N HIS C 84 6.48 16.54 8.83
CA HIS C 84 5.76 17.43 9.73
C HIS C 84 4.59 18.06 8.98
N GLU C 85 4.86 18.51 7.77
CA GLU C 85 3.83 19.14 6.95
C GLU C 85 2.72 18.15 6.62
N LEU C 86 3.10 16.92 6.32
CA LEU C 86 2.14 15.87 5.99
C LEU C 86 1.31 15.59 7.24
N PHE C 87 1.95 15.60 8.40
CA PHE C 87 1.25 15.38 9.66
C PHE C 87 0.25 16.53 9.86
N ASP C 88 0.65 17.74 9.47
CA ASP C 88 -0.23 18.90 9.60
C ASP C 88 -1.41 18.80 8.63
N CYS C 89 -1.18 18.21 7.46
CA CYS C 89 -2.27 18.02 6.48
C CYS C 89 -3.33 17.16 7.14
N GLY C 90 -2.86 16.13 7.84
CA GLY C 90 -3.78 15.22 8.51
C GLY C 90 -4.64 15.96 9.50
N GLY C 91 -4.02 16.81 10.31
CA GLY C 91 -4.75 17.59 11.31
C GLY C 91 -5.77 18.51 10.67
N ASP C 92 -5.41 19.12 9.55
CA ASP C 92 -6.31 20.02 8.85
C ASP C 92 -7.54 19.31 8.28
N LEU C 93 -7.37 18.07 7.88
CA LEU C 93 -8.49 17.29 7.31
C LEU C 93 -9.42 16.69 8.36
N ALA C 94 -8.86 16.27 9.50
CA ALA C 94 -9.67 15.68 10.55
C ALA C 94 -10.22 16.74 11.49
N ILE C 95 -10.85 17.76 10.91
CA ILE C 95 -11.42 18.85 11.69
C ILE C 95 -12.89 19.04 11.37
N VAL C 96 -13.76 18.29 12.05
CA VAL C 96 -15.20 18.42 11.84
C VAL C 96 -15.59 19.86 12.18
N GLU C 97 -15.40 20.22 13.44
CA GLU C 97 -15.69 21.56 13.91
C GLU C 97 -14.41 22.38 13.96
N GLN C 98 -14.31 23.39 13.11
CA GLN C 98 -13.12 24.24 13.10
C GLN C 98 -12.91 24.81 14.49
N LYS C 99 -12.13 24.12 15.31
CA LYS C 99 -11.84 24.58 16.66
C LYS C 99 -10.49 25.28 16.65
N ILE C 100 -9.84 25.23 15.50
CA ILE C 100 -8.54 25.85 15.33
C ILE C 100 -8.27 26.19 13.87
N PRO C 101 -7.46 27.22 13.63
CA PRO C 101 -7.14 27.61 12.25
C PRO C 101 -6.40 26.47 11.57
N TYR C 102 -6.29 26.52 10.26
CA TYR C 102 -5.58 25.48 9.54
C TYR C 102 -4.07 25.72 9.70
N LYS C 103 -3.28 24.65 9.59
CA LYS C 103 -1.83 24.77 9.74
C LYS C 103 -1.08 24.80 8.41
N VAL C 104 -1.60 24.08 7.41
CA VAL C 104 -0.94 24.03 6.10
C VAL C 104 -1.18 25.33 5.33
N THR C 105 -0.09 25.98 4.94
CA THR C 105 -0.17 27.25 4.20
C THR C 105 0.46 27.19 2.82
N ILE C 106 0.05 28.12 1.95
CA ILE C 106 0.56 28.19 0.59
C ILE C 106 2.08 28.31 0.57
N VAL C 107 2.63 28.88 1.63
CA VAL C 107 4.08 29.05 1.75
C VAL C 107 4.79 27.70 1.64
N MET C 108 4.19 26.67 2.23
CA MET C 108 4.78 25.33 2.20
C MET C 108 4.71 24.72 0.80
N VAL C 109 3.72 25.13 0.02
CA VAL C 109 3.59 24.61 -1.34
C VAL C 109 4.71 25.21 -2.17
N GLU C 110 4.86 26.53 -2.08
CA GLU C 110 5.90 27.25 -2.82
C GLU C 110 7.30 26.72 -2.52
N SER C 111 7.52 26.29 -1.28
CA SER C 111 8.81 25.73 -0.87
C SER C 111 9.05 24.46 -1.68
N LEU C 112 7.98 23.68 -1.84
CA LEU C 112 8.06 22.44 -2.61
C LEU C 112 8.38 22.79 -4.06
N GLU C 113 7.74 23.84 -4.57
CA GLU C 113 7.97 24.28 -5.94
C GLU C 113 9.41 24.69 -6.20
N ARG C 114 9.99 25.46 -5.28
CA ARG C 114 11.38 25.91 -5.44
C ARG C 114 12.33 24.72 -5.51
N LYS C 115 12.07 23.70 -4.69
CA LYS C 115 12.91 22.51 -4.67
C LYS C 115 12.73 21.67 -5.93
N ILE C 116 11.51 21.56 -6.41
CA ILE C 116 11.24 20.80 -7.61
C ILE C 116 12.03 21.38 -8.78
N ASP C 117 12.06 22.71 -8.87
CA ASP C 117 12.80 23.38 -9.95
C ASP C 117 14.28 23.06 -9.85
N LEU C 118 14.79 23.01 -8.62
CA LEU C 118 16.19 22.73 -8.39
C LEU C 118 16.55 21.30 -8.79
N TYR C 119 15.72 20.33 -8.42
CA TYR C 119 15.98 18.94 -8.73
C TYR C 119 15.77 18.57 -10.19
N ILE C 120 14.89 19.29 -10.89
CA ILE C 120 14.65 19.04 -12.30
C ILE C 120 15.89 19.49 -13.07
N GLU C 121 16.54 20.52 -12.53
CA GLU C 121 17.75 21.07 -13.11
C GLU C 121 18.93 20.12 -12.88
N GLU C 122 18.95 19.46 -11.71
CA GLU C 122 20.03 18.53 -11.38
C GLU C 122 19.94 17.23 -12.16
N ALA C 123 18.74 16.66 -12.21
CA ALA C 123 18.53 15.40 -12.91
C ALA C 123 18.80 15.52 -14.39
N PRO C 124 19.22 14.42 -15.03
CA PRO C 124 19.49 14.49 -16.48
C PRO C 124 18.18 14.74 -17.21
N PRO C 125 18.24 15.16 -18.49
CA PRO C 125 17.00 15.40 -19.22
C PRO C 125 16.09 14.18 -19.32
N LEU C 126 14.79 14.41 -19.15
CA LEU C 126 13.79 13.34 -19.21
C LEU C 126 13.51 12.99 -20.66
N GLU C 127 14.09 11.89 -21.13
CA GLU C 127 13.91 11.45 -22.52
C GLU C 127 12.72 10.53 -22.76
N ARG C 128 12.46 9.62 -21.83
CA ARG C 128 11.37 8.68 -21.98
C ARG C 128 10.42 8.68 -20.78
N PHE C 129 9.34 7.90 -20.88
CA PHE C 129 8.41 7.81 -19.77
C PHE C 129 9.10 6.96 -18.71
N ILE C 130 8.99 7.40 -17.46
CA ILE C 130 9.62 6.69 -16.36
C ILE C 130 8.75 5.59 -15.77
N LEU C 131 9.38 4.48 -15.40
CA LEU C 131 8.68 3.39 -14.73
C LEU C 131 9.29 3.43 -13.33
N PRO C 132 8.50 3.13 -12.30
CA PRO C 132 9.02 3.15 -10.92
C PRO C 132 10.08 2.07 -10.69
N GLY C 133 11.19 2.46 -10.08
CA GLY C 133 12.25 1.51 -9.82
C GLY C 133 13.63 2.09 -9.99
N GLY C 134 14.64 1.23 -9.95
CA GLY C 134 16.01 1.68 -10.08
C GLY C 134 16.77 1.34 -8.81
N SER C 135 17.29 2.34 -8.13
CA SER C 135 18.00 2.12 -6.87
C SER C 135 16.94 1.80 -5.83
N GLU C 136 17.34 1.15 -4.74
CA GLU C 136 16.39 0.82 -3.68
C GLU C 136 15.76 2.09 -3.15
N ALA C 137 16.60 3.09 -2.87
CA ALA C 137 16.11 4.36 -2.35
C ALA C 137 15.10 5.01 -3.30
N ALA C 138 15.41 5.08 -4.59
CA ALA C 138 14.48 5.70 -5.54
C ALA C 138 13.19 4.90 -5.65
N ALA C 139 13.30 3.57 -5.60
CA ALA C 139 12.11 2.72 -5.70
C ALA C 139 11.14 2.98 -4.54
N THR C 140 11.67 3.10 -3.32
CA THR C 140 10.79 3.34 -2.17
C THR C 140 10.13 4.71 -2.30
N ILE C 141 10.88 5.69 -2.79
CA ILE C 141 10.34 7.04 -3.00
C ILE C 141 9.21 6.96 -4.06
N HIS C 142 9.39 6.12 -5.07
CA HIS C 142 8.37 5.96 -6.11
C HIS C 142 7.09 5.37 -5.53
N ILE C 143 7.22 4.45 -4.59
CA ILE C 143 6.06 3.84 -3.95
C ILE C 143 5.33 4.91 -3.10
N ALA C 144 6.11 5.66 -2.32
CA ALA C 144 5.57 6.70 -1.47
C ALA C 144 4.81 7.71 -2.32
N ARG C 145 5.33 7.95 -3.52
CA ARG C 145 4.69 8.89 -4.43
C ARG C 145 3.30 8.41 -4.83
N THR C 146 3.15 7.11 -5.09
CA THR C 146 1.85 6.59 -5.49
C THR C 146 0.85 6.61 -4.34
N VAL C 147 1.35 6.44 -3.12
CA VAL C 147 0.49 6.48 -1.94
C VAL C 147 0.03 7.92 -1.74
N VAL C 148 0.94 8.86 -1.93
CA VAL C 148 0.61 10.27 -1.79
C VAL C 148 -0.49 10.60 -2.80
N ARG C 149 -0.38 10.05 -4.01
CA ARG C 149 -1.38 10.31 -5.03
C ARG C 149 -2.71 9.67 -4.66
N ARG C 150 -2.67 8.55 -3.95
CA ARG C 150 -3.90 7.87 -3.53
C ARG C 150 -4.55 8.73 -2.44
N ALA C 151 -3.73 9.37 -1.61
CA ALA C 151 -4.26 10.23 -0.57
C ALA C 151 -4.93 11.45 -1.23
N GLU C 152 -4.33 11.93 -2.32
CA GLU C 152 -4.88 13.08 -3.01
C GLU C 152 -6.29 12.81 -3.51
N ARG C 153 -6.54 11.60 -4.00
CA ARG C 153 -7.87 11.25 -4.50
C ARG C 153 -8.86 11.24 -3.34
N SER C 154 -8.43 10.78 -2.17
CA SER C 154 -9.30 10.74 -1.00
C SER C 154 -9.63 12.17 -0.57
N ILE C 155 -8.64 13.05 -0.66
CA ILE C 155 -8.86 14.45 -0.29
C ILE C 155 -9.86 15.07 -1.26
N VAL C 156 -9.78 14.69 -2.53
CA VAL C 156 -10.70 15.21 -3.54
C VAL C 156 -12.12 14.75 -3.22
N SER C 157 -12.26 13.52 -2.74
CA SER C 157 -13.57 12.99 -2.39
C SER C 157 -14.13 13.75 -1.19
N LEU C 158 -13.27 14.00 -0.20
CA LEU C 158 -13.66 14.72 1.00
C LEU C 158 -14.22 16.08 0.61
N GLN C 159 -13.44 16.81 -0.20
CA GLN C 159 -13.81 18.12 -0.66
C GLN C 159 -15.20 18.14 -1.29
N LYS C 160 -15.61 17.02 -1.89
CA LYS C 160 -16.93 16.95 -2.51
C LYS C 160 -18.07 16.94 -1.51
N GLU C 161 -17.78 16.61 -0.26
CA GLU C 161 -18.83 16.56 0.76
C GLU C 161 -18.76 17.69 1.78
N VAL C 162 -17.54 18.11 2.14
CA VAL C 162 -17.38 19.17 3.11
C VAL C 162 -16.36 20.18 2.64
N LYS C 163 -16.31 21.32 3.32
CA LYS C 163 -15.36 22.37 2.99
C LYS C 163 -14.02 21.97 3.59
N ILE C 164 -12.94 22.10 2.81
CA ILE C 164 -11.62 21.73 3.31
C ILE C 164 -10.61 22.85 3.12
N ASN C 165 -9.43 22.66 3.68
CA ASN C 165 -8.35 23.61 3.51
C ASN C 165 -7.84 23.29 2.11
N GLU C 166 -8.27 24.08 1.14
CA GLU C 166 -7.87 23.87 -0.26
C GLU C 166 -6.35 23.85 -0.47
N VAL C 167 -5.61 24.43 0.47
CA VAL C 167 -4.15 24.46 0.36
C VAL C 167 -3.59 23.06 0.55
N VAL C 168 -4.31 22.22 1.30
CA VAL C 168 -3.88 20.85 1.54
C VAL C 168 -3.92 20.06 0.25
N LEU C 169 -4.92 20.33 -0.59
CA LEU C 169 -5.03 19.64 -1.86
C LEU C 169 -3.90 20.07 -2.80
N LYS C 170 -3.53 21.35 -2.75
CA LYS C 170 -2.45 21.85 -3.59
C LYS C 170 -1.13 21.25 -3.13
N TYR C 171 -0.94 21.19 -1.82
CA TYR C 171 0.27 20.66 -1.23
C TYR C 171 0.51 19.19 -1.55
N VAL C 172 -0.52 18.37 -1.39
CA VAL C 172 -0.43 16.95 -1.66
C VAL C 172 -0.26 16.73 -3.16
N ASN C 173 -0.89 17.60 -3.93
CA ASN C 173 -0.79 17.55 -5.38
C ASN C 173 0.67 17.83 -5.78
N ARG C 174 1.24 18.88 -5.21
CA ARG C 174 2.60 19.27 -5.54
C ARG C 174 3.64 18.30 -4.99
N LEU C 175 3.35 17.67 -3.85
CA LEU C 175 4.28 16.74 -3.23
C LEU C 175 4.64 15.55 -4.11
N SER C 176 3.67 14.95 -4.78
CA SER C 176 4.01 13.81 -5.62
C SER C 176 4.99 14.23 -6.73
N ASP C 177 4.93 15.51 -7.14
CA ASP C 177 5.85 15.99 -8.17
C ASP C 177 7.24 16.09 -7.54
N TYR C 178 7.29 16.53 -6.30
CA TYR C 178 8.55 16.64 -5.60
C TYR C 178 9.16 15.24 -5.46
N LEU C 179 8.34 14.26 -5.09
CA LEU C 179 8.82 12.89 -4.92
C LEU C 179 9.34 12.32 -6.24
N PHE C 180 8.66 12.65 -7.34
CA PHE C 180 9.08 12.20 -8.66
C PHE C 180 10.45 12.80 -8.96
N ALA C 181 10.60 14.10 -8.70
CA ALA C 181 11.85 14.83 -8.95
C ALA C 181 13.05 14.25 -8.19
N ILE C 182 12.91 14.02 -6.89
CA ILE C 182 14.02 13.48 -6.11
C ILE C 182 14.29 12.03 -6.42
N ALA C 183 13.26 11.28 -6.81
CA ALA C 183 13.47 9.88 -7.15
C ALA C 183 14.50 9.84 -8.29
N ARG C 184 14.35 10.73 -9.27
CA ARG C 184 15.27 10.76 -10.40
C ARG C 184 16.64 11.27 -9.98
N VAL C 185 16.66 12.26 -9.08
CA VAL C 185 17.92 12.80 -8.59
C VAL C 185 18.66 11.71 -7.80
N ILE C 186 17.92 10.96 -7.02
CA ILE C 186 18.50 9.88 -6.22
C ILE C 186 19.15 8.83 -7.11
N ASN C 187 18.44 8.40 -8.16
CA ASN C 187 19.02 7.41 -9.07
C ASN C 187 20.29 7.97 -9.70
N ALA C 188 20.20 9.22 -10.16
CA ALA C 188 21.34 9.88 -10.79
C ALA C 188 22.56 9.92 -9.86
N ARG C 189 22.37 10.39 -8.63
CA ARG C 189 23.48 10.45 -7.69
C ARG C 189 24.06 9.07 -7.41
N LEU C 190 23.20 8.05 -7.40
CA LEU C 190 23.66 6.69 -7.12
C LEU C 190 24.15 5.95 -8.35
N GLN C 191 24.41 6.70 -9.42
CA GLN C 191 24.92 6.12 -10.67
C GLN C 191 24.03 5.01 -11.24
N VAL C 192 22.72 5.21 -11.15
CA VAL C 192 21.75 4.25 -11.67
C VAL C 192 20.82 5.02 -12.59
N LYS C 193 20.61 4.52 -13.81
CA LYS C 193 19.71 5.18 -14.74
C LYS C 193 18.27 4.95 -14.33
N ASP C 194 17.38 5.87 -14.69
CA ASP C 194 15.97 5.70 -14.38
C ASP C 194 15.47 4.54 -15.21
N VAL C 195 14.46 3.84 -14.73
CA VAL C 195 13.87 2.76 -15.50
C VAL C 195 12.93 3.46 -16.48
N GLU C 196 13.06 3.17 -17.76
CA GLU C 196 12.22 3.82 -18.74
C GLU C 196 11.33 2.85 -19.51
N TYR C 197 10.22 3.35 -20.02
CA TYR C 197 9.33 2.53 -20.82
C TYR C 197 10.06 2.47 -22.16
N ASN C 198 10.55 1.29 -22.52
CA ASN C 198 11.28 1.16 -23.77
C ASN C 198 11.33 -0.30 -24.23
N ARG C 199 10.43 -0.64 -25.14
CA ARG C 199 10.36 -1.99 -25.68
C ARG C 199 11.40 -2.22 -26.78
N SER C 200 12.20 -1.19 -27.06
CA SER C 200 13.26 -1.33 -28.07
C SER C 200 14.52 -1.79 -27.36
N ALA C 201 14.46 -1.81 -26.02
CA ALA C 201 15.59 -2.25 -25.22
C ALA C 201 15.51 -3.75 -25.06
#